data_4HQU
#
_entry.id   4HQU
#
_cell.length_a   59.710
_cell.length_b   59.710
_cell.length_c   167.010
_cell.angle_alpha   90.00
_cell.angle_beta   90.00
_cell.angle_gamma   90.00
#
_symmetry.space_group_name_H-M   'P 41 21 2'
#
loop_
_entity.id
_entity.type
_entity.pdbx_description
1 polymer 'Platelet-derived growth factor subunit B'
2 polymer 'SOMAmer SL5'
3 non-polymer 'SODIUM ION'
4 non-polymer 'MAGNESIUM ION'
5 water water
#
loop_
_entity_poly.entity_id
_entity_poly.type
_entity_poly.pdbx_seq_one_letter_code
_entity_poly.pdbx_strand_id
1 'polypeptide(L)'
;SLGSLTIAEPAMIAECKTRTEVFEISRRLIDRTNANFLVWPPCVEVQRCSGCCNNRNVQCRPTQVQLRPVQVRKIEIVRK
KPIFKKATVTLEDHLACKCETVAAARPVT
;
A
2 'polydeoxyribonucleotide'
;(DUZ)(DUZ)(A2M)(DC)(PE6)(DG)(DUZ)(DUZ)(DA)(DC)(A2M)(DC)(DG)(DC)(DG)(DUZ)(UPE)
(18Q)(DA)(DUZ)(A2M)(DG)(DC)(18M)
;
C
#
# COMPACT_ATOMS: atom_id res chain seq x y z
N ILE A 7 -28.50 -10.90 21.76
CA ILE A 7 -27.77 -10.04 22.75
C ILE A 7 -26.99 -8.94 22.04
N ALA A 8 -26.86 -7.79 22.70
CA ALA A 8 -26.00 -6.70 22.21
C ALA A 8 -24.75 -6.57 23.07
N GLU A 9 -23.64 -7.07 22.54
CA GLU A 9 -22.34 -7.03 23.21
C GLU A 9 -21.83 -5.60 23.41
N PRO A 10 -20.94 -5.39 24.37
CA PRO A 10 -20.36 -4.05 24.52
C PRO A 10 -19.47 -3.68 23.34
N ALA A 11 -19.65 -2.49 22.80
CA ALA A 11 -18.78 -1.98 21.75
C ALA A 11 -17.34 -1.90 22.27
N MET A 12 -16.39 -2.34 21.45
CA MET A 12 -14.96 -2.32 21.81
C MET A 12 -14.22 -1.35 20.89
N ILE A 13 -13.38 -0.49 21.45
CA ILE A 13 -12.69 0.49 20.63
C ILE A 13 -11.76 -0.18 19.60
N ALA A 14 -11.75 0.33 18.39
CA ALA A 14 -10.76 -0.07 17.40
C ALA A 14 -9.50 0.69 17.74
N GLU A 15 -8.57 -0.02 18.40
CA GLU A 15 -7.32 0.54 18.88
C GLU A 15 -6.46 0.99 17.71
N CYS A 16 -5.59 1.98 17.99
CA CYS A 16 -4.59 2.42 17.04
C CYS A 16 -3.56 1.31 16.95
N LYS A 17 -3.56 0.59 15.83
CA LYS A 17 -2.60 -0.47 15.57
C LYS A 17 -2.50 -0.74 14.07
N THR A 18 -1.56 -1.62 13.70
CA THR A 18 -1.45 -2.00 12.29
C THR A 18 -2.54 -3.01 11.91
N ARG A 19 -3.14 -2.77 10.74
CA ARG A 19 -4.10 -3.69 10.14
C ARG A 19 -3.74 -3.85 8.66
N THR A 20 -4.24 -4.92 8.05
CA THR A 20 -3.97 -5.18 6.63
C THR A 20 -4.87 -4.33 5.74
N GLU A 21 -4.27 -3.52 4.89
CA GLU A 21 -5.02 -2.74 3.91
C GLU A 21 -4.66 -3.13 2.48
N VAL A 22 -5.44 -2.61 1.52
CA VAL A 22 -5.21 -2.89 0.11
C VAL A 22 -4.49 -1.69 -0.52
N PHE A 23 -3.33 -1.93 -1.11
CA PHE A 23 -2.55 -0.88 -1.78
C PHE A 23 -2.61 -1.04 -3.30
N GLU A 24 -3.08 -0.02 -3.99
CA GLU A 24 -3.15 -0.09 -5.43
C GLU A 24 -1.80 0.30 -6.03
N ILE A 25 -1.30 -0.54 -6.94
CA ILE A 25 0.02 -0.32 -7.52
C ILE A 25 -0.03 0.80 -8.55
N SER A 26 0.81 1.81 -8.33
CA SER A 26 0.83 2.99 -9.15
C SER A 26 1.58 2.71 -10.44
N ARG A 27 0.90 2.84 -11.58
CA ARG A 27 1.59 2.73 -12.87
C ARG A 27 2.52 3.93 -13.08
N ARG A 28 2.12 5.08 -12.56
CA ARG A 28 2.88 6.31 -12.70
C ARG A 28 4.27 6.20 -12.09
N LEU A 29 4.42 5.54 -10.95
CA LEU A 29 5.76 5.37 -10.38
C LEU A 29 6.59 4.34 -11.14
N ILE A 30 5.93 3.34 -11.72
CA ILE A 30 6.60 2.37 -12.60
C ILE A 30 7.20 3.07 -13.84
N ASP A 31 6.40 3.92 -14.48
CA ASP A 31 6.88 4.73 -15.59
C ASP A 31 6.04 5.99 -15.76
N ARG A 32 6.64 7.15 -15.49
CA ARG A 32 5.97 8.45 -15.64
C ARG A 32 6.07 9.00 -17.07
N THR A 33 7.02 8.51 -17.86
CA THR A 33 7.30 9.08 -19.18
C THR A 33 6.71 8.32 -20.40
N ASN A 34 6.14 7.14 -20.16
CA ASN A 34 5.46 6.35 -21.22
C ASN A 34 4.16 5.74 -20.70
N ALA A 35 3.16 5.64 -21.57
CA ALA A 35 1.84 5.11 -21.18
C ALA A 35 1.59 3.71 -21.73
N ASN A 36 2.43 3.29 -22.67
CA ASN A 36 2.26 2.07 -23.47
C ASN A 36 2.56 0.75 -22.75
N PHE A 37 2.01 0.58 -21.54
CA PHE A 37 2.29 -0.63 -20.74
C PHE A 37 1.18 -1.05 -19.79
N LEU A 38 1.19 -2.34 -19.44
CA LEU A 38 0.27 -2.91 -18.47
C LEU A 38 1.08 -3.52 -17.35
N VAL A 39 0.48 -3.58 -16.16
CA VAL A 39 1.13 -4.17 -14.99
CA VAL A 39 1.13 -4.16 -14.98
C VAL A 39 0.21 -5.18 -14.33
N TRP A 40 0.81 -6.17 -13.68
CA TRP A 40 0.08 -7.16 -12.92
C TRP A 40 0.90 -7.61 -11.75
N PRO A 41 0.27 -7.72 -10.55
CA PRO A 41 -1.13 -7.47 -10.18
C PRO A 41 -1.42 -5.98 -9.97
N PRO A 42 -2.70 -5.58 -10.01
CA PRO A 42 -2.98 -4.17 -9.81
C PRO A 42 -2.95 -3.71 -8.34
N CYS A 43 -3.04 -4.64 -7.36
CA CYS A 43 -3.07 -4.31 -5.93
C CYS A 43 -2.47 -5.40 -5.07
N VAL A 44 -1.91 -4.99 -3.93
CA VAL A 44 -1.27 -5.90 -2.99
C VAL A 44 -1.68 -5.52 -1.55
N GLU A 45 -1.47 -6.43 -0.62
CA GLU A 45 -1.75 -6.16 0.77
C GLU A 45 -0.57 -5.43 1.36
N VAL A 46 -0.84 -4.44 2.19
CA VAL A 46 0.18 -3.81 3.00
C VAL A 46 -0.35 -3.68 4.44
N GLN A 47 0.56 -3.47 5.38
CA GLN A 47 0.17 -3.23 6.78
C GLN A 47 0.16 -1.74 7.04
N ARG A 48 -0.90 -1.24 7.68
CA ARG A 48 -1.04 0.20 7.91
C ARG A 48 -1.63 0.52 9.29
N CYS A 49 -1.23 1.67 9.83
CA CYS A 49 -1.71 2.15 11.11
C CYS A 49 -3.11 2.68 10.88
N SER A 50 -4.06 2.14 11.63
CA SER A 50 -5.42 2.65 11.61
C SER A 50 -6.02 2.49 13.00
N GLY A 51 -7.18 3.11 13.21
CA GLY A 51 -7.86 3.02 14.49
C GLY A 51 -8.00 4.40 15.08
N CYS A 52 -8.62 4.49 16.25
CA CYS A 52 -8.92 5.78 16.83
C CYS A 52 -8.29 6.00 18.18
N CYS A 53 -7.73 7.19 18.36
CA CYS A 53 -7.14 7.59 19.63
C CYS A 53 -8.22 8.24 20.56
N ASN A 54 -7.81 8.63 21.77
CA ASN A 54 -8.71 9.15 22.82
C ASN A 54 -9.49 10.39 22.45
N ASN A 55 -8.85 11.27 21.69
CA ASN A 55 -9.40 12.57 21.36
C ASN A 55 -8.84 13.08 20.04
N ARG A 56 -9.43 14.15 19.51
CA ARG A 56 -9.07 14.68 18.20
C ARG A 56 -7.86 15.62 18.19
N ASN A 57 -7.16 15.71 19.32
CA ASN A 57 -5.89 16.42 19.35
C ASN A 57 -4.73 15.51 18.94
N VAL A 58 -5.01 14.19 18.89
CA VAL A 58 -4.02 13.20 18.46
C VAL A 58 -4.54 12.33 17.32
N GLN A 59 -3.61 11.80 16.51
CA GLN A 59 -3.93 10.88 15.42
C GLN A 59 -3.02 9.66 15.41
N CYS A 60 -3.56 8.54 14.93
CA CYS A 60 -2.84 7.29 14.82
C CYS A 60 -1.82 7.34 13.67
N ARG A 61 -0.53 7.21 14.01
CA ARG A 61 0.57 7.43 13.07
C ARG A 61 1.64 6.36 13.25
N PRO A 62 2.34 5.99 12.16
CA PRO A 62 3.35 4.94 12.26
C PRO A 62 4.58 5.41 13.04
N THR A 63 5.25 4.50 13.75
CA THR A 63 6.48 4.84 14.47
C THR A 63 7.69 4.18 13.85
N GLN A 64 7.47 3.00 13.26
CA GLN A 64 8.48 2.41 12.40
C GLN A 64 7.85 1.81 11.13
N VAL A 65 8.45 2.13 9.99
CA VAL A 65 8.00 1.62 8.70
C VAL A 65 9.08 0.74 8.08
N GLN A 66 8.67 -0.31 7.36
CA GLN A 66 9.61 -1.22 6.70
C GLN A 66 9.39 -1.24 5.19
N LEU A 67 10.43 -0.91 4.43
CA LEU A 67 10.35 -0.96 2.97
C LEU A 67 10.40 -2.40 2.47
N ARG A 68 9.49 -2.74 1.55
CA ARG A 68 9.34 -4.09 1.04
C ARG A 68 9.22 -4.09 -0.50
N PRO A 69 10.30 -4.44 -1.20
CA PRO A 69 10.26 -4.53 -2.66
C PRO A 69 9.53 -5.78 -3.13
N VAL A 70 8.60 -5.59 -4.07
CA VAL A 70 7.95 -6.72 -4.74
C VAL A 70 8.14 -6.60 -6.25
N GLN A 71 8.07 -7.75 -6.92
CA GLN A 71 8.32 -7.82 -8.35
C GLN A 71 6.99 -7.89 -9.05
N VAL A 72 6.73 -6.93 -9.93
CA VAL A 72 5.49 -6.97 -10.68
C VAL A 72 5.74 -7.34 -12.14
N ARG A 73 4.70 -7.86 -12.79
CA ARG A 73 4.76 -8.19 -14.20
C ARG A 73 4.38 -6.96 -15.03
N LYS A 74 5.17 -6.71 -16.06
CA LYS A 74 4.96 -5.57 -16.95
C LYS A 74 4.94 -6.04 -18.40
N ILE A 75 3.94 -5.60 -19.14
CA ILE A 75 3.91 -5.80 -20.58
C ILE A 75 4.04 -4.43 -21.24
N GLU A 76 5.07 -4.26 -22.06
CA GLU A 76 5.18 -3.07 -22.88
C GLU A 76 4.56 -3.39 -24.24
N ILE A 77 3.67 -2.52 -24.72
CA ILE A 77 3.01 -2.75 -25.99
C ILE A 77 3.64 -1.88 -27.05
N VAL A 78 4.17 -2.54 -28.09
CA VAL A 78 4.91 -1.91 -29.16
C VAL A 78 4.33 -2.45 -30.45
N ARG A 79 3.63 -1.58 -31.17
CA ARG A 79 2.92 -1.92 -32.39
C ARG A 79 2.06 -3.16 -32.19
N LYS A 80 1.32 -3.17 -31.08
CA LYS A 80 0.35 -4.22 -30.72
C LYS A 80 1.01 -5.55 -30.32
N LYS A 81 2.32 -5.56 -30.16
CA LYS A 81 3.00 -6.77 -29.69
C LYS A 81 3.51 -6.58 -28.25
N PRO A 82 3.38 -7.63 -27.42
CA PRO A 82 3.83 -7.51 -26.05
C PRO A 82 5.32 -7.78 -25.85
N ILE A 83 5.97 -6.95 -25.06
CA ILE A 83 7.30 -7.21 -24.58
C ILE A 83 7.23 -7.44 -23.07
N PHE A 84 7.66 -8.61 -22.64
CA PHE A 84 7.53 -8.99 -21.26
C PHE A 84 8.73 -8.50 -20.46
N LYS A 85 8.44 -7.75 -19.41
CA LYS A 85 9.45 -7.21 -18.52
C LYS A 85 9.02 -7.39 -17.08
N LYS A 86 9.95 -7.16 -16.16
CA LYS A 86 9.64 -7.14 -14.75
C LYS A 86 9.99 -5.76 -14.20
N ALA A 87 9.16 -5.28 -13.27
CA ALA A 87 9.45 -4.03 -12.56
C ALA A 87 9.42 -4.31 -11.07
N THR A 88 10.13 -3.49 -10.31
CA THR A 88 10.19 -3.69 -8.89
C THR A 88 9.49 -2.48 -8.24
N VAL A 89 8.46 -2.75 -7.46
CA VAL A 89 7.80 -1.71 -6.69
C VAL A 89 8.20 -1.89 -5.22
N THR A 90 8.60 -0.79 -4.57
CA THR A 90 8.99 -0.83 -3.16
C THR A 90 7.79 -0.42 -2.29
N LEU A 91 7.16 -1.40 -1.64
CA LEU A 91 6.02 -1.14 -0.76
C LEU A 91 6.49 -0.57 0.58
N GLU A 92 5.61 0.19 1.23
CA GLU A 92 5.86 0.65 2.60
C GLU A 92 4.85 -0.01 3.56
N ASP A 93 5.38 -0.86 4.43
CA ASP A 93 4.60 -1.49 5.50
C ASP A 93 4.76 -0.72 6.82
N HIS A 94 3.64 -0.44 7.50
CA HIS A 94 3.70 0.08 8.87
C HIS A 94 3.96 -1.05 9.82
N LEU A 95 4.95 -0.85 10.71
CA LEU A 95 5.32 -1.90 11.67
C LEU A 95 4.81 -1.64 13.08
N ALA A 96 4.69 -0.37 13.44
CA ALA A 96 4.13 0.04 14.73
C ALA A 96 3.56 1.44 14.65
N CYS A 97 2.64 1.72 15.57
CA CYS A 97 1.88 2.97 15.59
C CYS A 97 1.81 3.53 17.00
N LYS A 98 1.57 4.83 17.07
CA LYS A 98 1.22 5.48 18.32
C LYS A 98 0.24 6.59 18.02
N CYS A 99 -0.49 7.02 19.05
CA CYS A 99 -1.28 8.23 18.98
C CYS A 99 -0.36 9.43 19.18
N GLU A 100 -0.45 10.38 18.27
CA GLU A 100 0.55 11.42 18.10
C GLU A 100 -0.15 12.75 17.92
N THR A 101 0.44 13.83 18.44
CA THR A 101 -0.24 15.12 18.56
C THR A 101 -0.09 16.04 17.34
#